data_1RXG
#
_entry.id   1RXG
#
_cell.length_a   107.700
_cell.length_b   107.700
_cell.length_c   71.000
_cell.angle_alpha   90.00
_cell.angle_beta   90.00
_cell.angle_gamma   120.00
#
_symmetry.space_group_name_H-M   'H 3'
#
loop_
_entity.id
_entity.type
_entity.pdbx_description
1 polymer 'DEACETOXYCEPHALOSPORIN C SYNTHASE'
2 non-polymer 'FE (III) ION'
3 non-polymer 'SULFATE ION'
4 non-polymer '2-OXOGLUTARIC ACID'
5 water water
#
_entity_poly.entity_id   1
_entity_poly.type   'polypeptide(L)'
_entity_poly.pdbx_seq_one_letter_code
;MDTTVPTFSLAELQQGLHQDEFRRCLRDKGLFYLTDCGLTDTELKSAKDLVIDFFEHGSEAEKRAVTSPVPTMRRGFTGL
ESESTAQITNTGSYSDYSMCYSMGTADNLFPSGDFERIWTQYFDRQYTASRAVAREVLRATGTEPDGGVEAFLDCEPLLR
FRYFPQVPEHRSAEEQPLRMAPHYDLSMVTLIQQTPCANGFVSLQAEVGGAFTDLPYRPDAVLVFCGAIATLVTGGQVKA
PRHHVAAPRRDQIAGSSRTSSVFFLRPNADFTFSVPLARECGFDVSLDGETATFQDWIGGNYVNIRRTSKA
;
_entity_poly.pdbx_strand_id   A
#
# COMPACT_ATOMS: atom_id res chain seq x y z
N MET A 1 19.12 -1.12 -19.50
CA MET A 1 18.30 -1.66 -18.42
C MET A 1 17.23 -2.59 -18.96
N ASP A 2 17.11 -3.75 -18.31
CA ASP A 2 15.97 -4.63 -18.64
C ASP A 2 14.75 -4.03 -17.94
N THR A 3 13.59 -3.97 -18.58
CA THR A 3 12.39 -3.39 -17.99
C THR A 3 11.51 -4.48 -17.36
N THR A 4 12.15 -5.61 -17.05
CA THR A 4 11.42 -6.66 -16.34
C THR A 4 11.14 -6.25 -14.90
N VAL A 5 9.90 -6.51 -14.47
CA VAL A 5 9.57 -6.32 -13.05
C VAL A 5 10.08 -7.57 -12.31
N PRO A 6 11.06 -7.41 -11.44
CA PRO A 6 11.63 -8.61 -10.80
C PRO A 6 10.80 -9.14 -9.63
N THR A 7 11.22 -10.35 -9.23
CA THR A 7 10.69 -11.08 -8.10
C THR A 7 11.80 -11.42 -7.11
N PHE A 8 11.56 -11.18 -5.83
CA PHE A 8 12.46 -11.56 -4.78
C PHE A 8 11.75 -12.40 -3.71
N SER A 9 12.50 -13.36 -3.17
CA SER A 9 12.15 -14.10 -1.98
C SER A 9 12.50 -13.30 -0.72
N LEU A 10 11.46 -13.06 0.07
CA LEU A 10 11.69 -12.35 1.33
C LEU A 10 12.70 -13.10 2.19
N ALA A 11 12.58 -14.43 2.25
CA ALA A 11 13.48 -15.26 3.07
C ALA A 11 14.94 -15.13 2.63
N GLU A 12 15.23 -15.13 1.33
CA GLU A 12 16.53 -15.00 0.72
C GLU A 12 17.06 -13.60 1.02
N LEU A 13 16.23 -12.55 0.91
CA LEU A 13 16.69 -11.20 1.25
C LEU A 13 17.12 -11.10 2.71
N GLN A 14 16.33 -11.69 3.59
CA GLN A 14 16.61 -11.73 5.02
C GLN A 14 17.85 -12.54 5.36
N GLN A 15 18.30 -13.42 4.47
CA GLN A 15 19.49 -14.22 4.65
C GLN A 15 20.72 -13.49 4.10
N GLY A 16 20.48 -12.31 3.51
CA GLY A 16 21.55 -11.49 3.00
C GLY A 16 21.90 -11.81 1.56
N LEU A 17 21.01 -12.46 0.82
CA LEU A 17 21.29 -12.72 -0.59
C LEU A 17 20.74 -11.66 -1.52
N HIS A 18 21.29 -11.60 -2.73
CA HIS A 18 20.83 -10.74 -3.83
C HIS A 18 20.86 -9.25 -3.50
N GLN A 19 21.77 -8.82 -2.63
CA GLN A 19 21.72 -7.44 -2.16
C GLN A 19 21.96 -6.45 -3.28
N ASP A 20 22.84 -6.74 -4.24
CA ASP A 20 23.11 -5.79 -5.31
C ASP A 20 21.92 -5.70 -6.27
N GLU A 21 21.31 -6.83 -6.61
CA GLU A 21 20.10 -6.84 -7.44
C GLU A 21 18.96 -6.09 -6.78
N PHE A 22 18.79 -6.31 -5.48
CA PHE A 22 17.72 -5.64 -4.71
C PHE A 22 17.96 -4.13 -4.70
N ARG A 23 19.15 -3.65 -4.36
CA ARG A 23 19.46 -2.24 -4.35
C ARG A 23 19.23 -1.59 -5.70
N ARG A 24 19.61 -2.29 -6.76
CA ARG A 24 19.43 -1.72 -8.11
C ARG A 24 17.95 -1.60 -8.45
N CYS A 25 17.16 -2.63 -8.15
CA CYS A 25 15.70 -2.60 -8.30
C CYS A 25 15.07 -1.42 -7.56
N LEU A 26 15.44 -1.24 -6.29
CA LEU A 26 14.88 -0.12 -5.51
C LEU A 26 15.17 1.24 -6.14
N ARG A 27 16.37 1.50 -6.60
CA ARG A 27 16.75 2.78 -7.19
C ARG A 27 16.19 3.02 -8.59
N ASP A 28 16.20 1.99 -9.45
CA ASP A 28 15.85 2.16 -10.85
C ASP A 28 14.39 1.93 -11.20
N LYS A 29 13.68 1.14 -10.39
CA LYS A 29 12.31 0.73 -10.65
C LYS A 29 11.34 1.02 -9.49
N GLY A 30 11.66 0.66 -8.26
CA GLY A 30 10.83 0.93 -7.09
C GLY A 30 9.60 0.05 -6.97
N LEU A 31 9.61 -1.09 -7.65
CA LEU A 31 8.54 -2.09 -7.57
C LEU A 31 9.09 -3.49 -7.87
N PHE A 32 8.44 -4.49 -7.25
CA PHE A 32 8.85 -5.88 -7.40
C PHE A 32 7.80 -6.82 -6.82
N TYR A 33 7.78 -8.07 -7.26
CA TYR A 33 6.95 -9.10 -6.64
C TYR A 33 7.75 -9.73 -5.50
N LEU A 34 7.04 -10.15 -4.46
CA LEU A 34 7.62 -10.71 -3.26
C LEU A 34 7.01 -12.07 -2.96
N THR A 35 7.82 -13.12 -2.96
CA THR A 35 7.43 -14.46 -2.57
C THR A 35 7.94 -14.80 -1.16
N ASP A 36 7.52 -15.95 -0.64
CA ASP A 36 8.01 -16.46 0.62
C ASP A 36 7.80 -15.43 1.73
N CYS A 37 6.63 -14.79 1.76
CA CYS A 37 6.35 -13.77 2.80
C CYS A 37 5.11 -14.06 3.61
N GLY A 38 4.53 -15.26 3.51
CA GLY A 38 3.35 -15.64 4.27
C GLY A 38 2.06 -15.19 3.62
N LEU A 39 2.08 -14.68 2.39
CA LEU A 39 0.95 -14.23 1.59
C LEU A 39 0.89 -14.82 0.17
N THR A 40 -0.15 -15.58 -0.08
CA THR A 40 -0.51 -16.21 -1.33
C THR A 40 -2.03 -16.24 -1.48
N ASP A 41 -2.49 -16.82 -2.59
CA ASP A 41 -3.93 -16.78 -2.87
C ASP A 41 -4.70 -17.62 -1.87
N THR A 42 -4.01 -18.54 -1.23
CA THR A 42 -4.56 -19.36 -0.18
C THR A 42 -5.04 -18.50 1.00
N GLU A 43 -4.21 -17.53 1.40
CA GLU A 43 -4.56 -16.65 2.52
C GLU A 43 -5.62 -15.63 2.11
N LEU A 44 -5.73 -15.35 0.81
CA LEU A 44 -6.67 -14.34 0.33
C LEU A 44 -8.10 -14.87 0.21
N LYS A 45 -8.26 -16.14 -0.14
CA LYS A 45 -9.54 -16.72 -0.56
C LYS A 45 -10.66 -16.57 0.47
N SER A 46 -10.45 -16.95 1.71
CA SER A 46 -11.46 -16.78 2.76
C SER A 46 -11.93 -15.34 2.93
N ALA A 47 -11.00 -14.39 3.01
CA ALA A 47 -11.28 -12.97 3.16
C ALA A 47 -12.02 -12.41 1.95
N LYS A 48 -11.51 -12.71 0.76
CA LYS A 48 -12.18 -12.27 -0.46
C LYS A 48 -13.62 -12.78 -0.57
N ASP A 49 -13.83 -14.07 -0.37
CA ASP A 49 -15.15 -14.66 -0.48
C ASP A 49 -16.18 -14.05 0.46
N LEU A 50 -15.81 -13.84 1.72
CA LEU A 50 -16.79 -13.34 2.67
C LEU A 50 -17.08 -11.85 2.45
N VAL A 51 -16.09 -11.06 2.01
CA VAL A 51 -16.43 -9.64 1.75
C VAL A 51 -17.24 -9.53 0.48
N ILE A 52 -17.01 -10.30 -0.57
CA ILE A 52 -17.87 -10.26 -1.76
C ILE A 52 -19.27 -10.71 -1.42
N ASP A 53 -19.39 -11.71 -0.55
CA ASP A 53 -20.76 -12.08 -0.16
C ASP A 53 -21.46 -10.90 0.50
N PHE A 54 -20.71 -10.13 1.28
CA PHE A 54 -21.28 -8.98 2.00
C PHE A 54 -21.67 -7.89 1.01
N PHE A 55 -20.78 -7.55 0.08
CA PHE A 55 -21.10 -6.59 -0.96
C PHE A 55 -22.34 -6.97 -1.76
N GLU A 56 -22.42 -8.22 -2.21
CA GLU A 56 -23.49 -8.67 -3.06
C GLU A 56 -24.81 -8.89 -2.30
N HIS A 57 -24.74 -9.40 -1.07
CA HIS A 57 -25.97 -9.88 -0.42
C HIS A 57 -26.26 -9.27 0.93
N GLY A 58 -25.36 -8.48 1.52
CA GLY A 58 -25.71 -7.80 2.76
C GLY A 58 -26.82 -6.78 2.52
N SER A 59 -27.68 -6.58 3.52
CA SER A 59 -28.78 -5.65 3.32
C SER A 59 -28.36 -4.23 3.67
N GLU A 60 -29.28 -3.29 3.42
CA GLU A 60 -28.88 -1.92 3.67
C GLU A 60 -28.61 -1.71 5.15
N ALA A 61 -29.43 -2.33 6.01
CA ALA A 61 -29.28 -2.18 7.46
C ALA A 61 -27.96 -2.68 8.00
N GLU A 62 -27.52 -3.81 7.50
CA GLU A 62 -26.26 -4.47 7.81
C GLU A 62 -25.09 -3.61 7.36
N LYS A 63 -25.26 -3.06 6.15
CA LYS A 63 -24.22 -2.16 5.65
C LYS A 63 -24.16 -0.88 6.49
N ARG A 64 -25.31 -0.26 6.81
CA ARG A 64 -25.28 0.96 7.62
C ARG A 64 -24.59 0.76 8.97
N ALA A 65 -24.75 -0.41 9.59
CA ALA A 65 -24.14 -0.74 10.88
C ALA A 65 -22.63 -0.77 10.84
N VAL A 66 -22.04 -0.92 9.65
CA VAL A 66 -20.58 -0.89 9.53
C VAL A 66 -20.11 0.22 8.59
N THR A 67 -20.89 1.29 8.48
CA THR A 67 -20.52 2.51 7.75
C THR A 67 -20.23 3.64 8.72
N SER A 68 -19.07 4.28 8.58
CA SER A 68 -18.69 5.43 9.39
C SER A 68 -19.61 6.62 9.10
N PRO A 69 -19.83 7.50 10.06
CA PRO A 69 -20.69 8.65 9.80
C PRO A 69 -20.11 9.69 8.86
N VAL A 70 -18.82 9.70 8.62
CA VAL A 70 -18.14 10.51 7.61
C VAL A 70 -17.53 9.56 6.58
N PRO A 71 -17.73 9.83 5.29
CA PRO A 71 -17.34 8.85 4.26
C PRO A 71 -15.90 8.97 3.80
N THR A 72 -14.99 8.61 4.69
CA THR A 72 -13.56 8.74 4.47
C THR A 72 -12.87 7.47 3.99
N MET A 73 -13.55 6.32 3.98
CA MET A 73 -12.89 5.06 3.64
C MET A 73 -11.77 4.63 4.56
N ARG A 74 -11.75 5.06 5.80
CA ARG A 74 -10.79 4.73 6.83
C ARG A 74 -11.16 3.37 7.44
N ARG A 75 -12.46 3.12 7.67
CA ARG A 75 -12.91 1.94 8.38
C ARG A 75 -14.29 1.52 7.85
N GLY A 76 -14.53 0.24 7.68
CA GLY A 76 -15.86 -0.24 7.36
C GLY A 76 -16.19 -0.18 5.87
N PHE A 77 -17.47 -0.17 5.57
CA PHE A 77 -18.02 -0.22 4.22
C PHE A 77 -18.14 1.15 3.58
N THR A 78 -17.79 1.23 2.28
CA THR A 78 -18.02 2.45 1.52
C THR A 78 -18.48 2.16 0.10
N GLY A 79 -19.54 2.79 -0.40
CA GLY A 79 -19.81 2.84 -1.83
C GLY A 79 -18.99 3.95 -2.49
N LEU A 80 -18.18 3.66 -3.50
CA LEU A 80 -17.23 4.64 -4.02
C LEU A 80 -17.49 4.97 -5.49
N GLU A 81 -17.85 6.23 -5.75
CA GLU A 81 -18.11 6.88 -7.00
C GLU A 81 -16.84 7.01 -7.86
N SER A 82 -17.01 7.17 -9.16
CA SER A 82 -15.88 7.34 -10.07
C SER A 82 -15.22 8.72 -9.89
N THR A 91 -31.23 8.09 -10.96
CA THR A 91 -31.37 6.99 -10.01
C THR A 91 -30.14 6.09 -10.00
N GLY A 92 -29.89 5.53 -8.82
CA GLY A 92 -28.78 4.60 -8.62
C GLY A 92 -28.15 4.75 -7.23
N SER A 93 -26.87 4.39 -7.22
CA SER A 93 -26.09 4.38 -6.00
C SER A 93 -24.62 4.65 -6.28
N TYR A 94 -23.89 5.26 -5.34
CA TYR A 94 -22.44 5.36 -5.58
C TYR A 94 -21.78 3.97 -5.58
N SER A 95 -22.34 2.99 -4.89
CA SER A 95 -21.94 1.60 -4.91
C SER A 95 -22.09 0.97 -6.29
N ASP A 96 -22.73 1.66 -7.23
CA ASP A 96 -22.90 1.08 -8.55
C ASP A 96 -21.58 0.99 -9.29
N TYR A 97 -20.68 1.91 -8.96
CA TYR A 97 -19.38 1.98 -9.63
C TYR A 97 -18.36 1.12 -8.89
N SER A 98 -18.25 1.27 -7.58
CA SER A 98 -17.34 0.36 -6.85
C SER A 98 -17.79 0.28 -5.39
N MET A 99 -17.27 -0.73 -4.68
CA MET A 99 -17.52 -0.91 -3.25
C MET A 99 -16.20 -1.18 -2.55
N CYS A 100 -16.02 -0.65 -1.34
CA CYS A 100 -14.79 -0.81 -0.56
C CYS A 100 -15.06 -1.28 0.85
N TYR A 101 -14.12 -1.99 1.45
CA TYR A 101 -14.08 -2.38 2.84
C TYR A 101 -12.69 -2.05 3.38
N SER A 102 -12.60 -1.32 4.49
CA SER A 102 -11.36 -0.80 5.06
C SER A 102 -11.15 -1.21 6.52
N MET A 103 -9.87 -1.39 6.88
CA MET A 103 -9.55 -1.69 8.28
C MET A 103 -8.14 -1.27 8.64
N GLY A 104 -7.87 -1.27 9.95
CA GLY A 104 -6.57 -0.97 10.52
C GLY A 104 -6.31 -1.76 11.78
N THR A 105 -5.40 -1.29 12.65
CA THR A 105 -5.02 -2.02 13.85
C THR A 105 -6.07 -1.94 14.96
N ALA A 106 -6.95 -0.97 14.91
CA ALA A 106 -8.03 -0.75 15.90
C ALA A 106 -9.16 0.11 15.32
N ASP A 107 -10.25 0.29 16.06
CA ASP A 107 -11.42 1.07 15.68
C ASP A 107 -12.06 0.50 14.42
N ASN A 108 -12.11 -0.83 14.35
CA ASN A 108 -12.70 -1.51 13.20
C ASN A 108 -14.20 -1.77 13.33
N LEU A 109 -14.85 -1.92 12.18
CA LEU A 109 -16.30 -2.16 12.05
C LEU A 109 -16.48 -3.48 11.30
N PHE A 110 -17.00 -4.51 11.95
CA PHE A 110 -17.12 -5.85 11.33
C PHE A 110 -18.57 -6.27 11.26
N PRO A 111 -19.08 -6.80 10.16
CA PRO A 111 -20.47 -7.26 10.13
C PRO A 111 -20.76 -8.55 10.89
N SER A 112 -19.74 -9.33 11.28
CA SER A 112 -20.09 -10.49 12.12
C SER A 112 -18.81 -11.07 12.72
N GLY A 113 -18.97 -12.02 13.63
CA GLY A 113 -17.81 -12.60 14.29
C GLY A 113 -16.98 -13.41 13.30
N ASP A 114 -17.67 -14.03 12.34
CA ASP A 114 -16.93 -14.80 11.32
C ASP A 114 -16.04 -13.91 10.47
N PHE A 115 -16.63 -12.85 9.96
CA PHE A 115 -15.89 -11.84 9.19
C PHE A 115 -14.73 -11.34 10.03
N GLU A 116 -14.99 -10.92 11.27
CA GLU A 116 -13.97 -10.38 12.15
C GLU A 116 -12.77 -11.31 12.27
N ARG A 117 -13.01 -12.58 12.52
CA ARG A 117 -11.94 -13.56 12.70
C ARG A 117 -11.10 -13.71 11.43
N ILE A 118 -11.77 -13.83 10.29
CA ILE A 118 -11.07 -14.01 9.02
C ILE A 118 -10.29 -12.76 8.66
N TRP A 119 -10.88 -11.57 8.79
CA TRP A 119 -10.20 -10.34 8.36
C TRP A 119 -9.13 -9.90 9.33
N THR A 120 -9.30 -10.16 10.64
CA THR A 120 -8.19 -9.86 11.56
C THR A 120 -6.96 -10.69 11.25
N GLN A 121 -7.12 -11.97 10.92
CA GLN A 121 -5.98 -12.80 10.55
C GLN A 121 -5.31 -12.36 9.27
N TYR A 122 -6.10 -12.04 8.25
CA TYR A 122 -5.62 -11.52 6.96
C TYR A 122 -4.88 -10.20 7.15
N PHE A 123 -5.45 -9.24 7.88
CA PHE A 123 -4.75 -8.00 8.17
C PHE A 123 -3.40 -8.26 8.83
N ASP A 124 -3.38 -9.16 9.85
CA ASP A 124 -2.13 -9.38 10.55
C ASP A 124 -1.04 -9.92 9.64
N ARG A 125 -1.39 -10.87 8.75
CA ARG A 125 -0.42 -11.37 7.80
C ARG A 125 0.10 -10.30 6.83
N GLN A 126 -0.77 -9.43 6.33
CA GLN A 126 -0.35 -8.30 5.49
C GLN A 126 0.56 -7.32 6.20
N TYR A 127 0.17 -6.97 7.45
CA TYR A 127 0.95 -6.00 8.24
C TYR A 127 2.33 -6.56 8.55
N THR A 128 2.40 -7.83 8.95
CA THR A 128 3.69 -8.48 9.16
C THR A 128 4.57 -8.48 7.93
N ALA A 129 4.03 -8.84 6.76
CA ALA A 129 4.81 -8.89 5.53
C ALA A 129 5.29 -7.50 5.12
N SER A 130 4.43 -6.50 5.29
CA SER A 130 4.77 -5.12 4.94
C SER A 130 5.88 -4.58 5.85
N ARG A 131 5.81 -4.81 7.17
CA ARG A 131 6.92 -4.38 8.03
C ARG A 131 8.21 -5.12 7.67
N ALA A 132 8.13 -6.42 7.36
CA ALA A 132 9.30 -7.21 7.01
C ALA A 132 10.00 -6.72 5.75
N VAL A 133 9.24 -6.45 4.67
CA VAL A 133 9.87 -5.98 3.43
C VAL A 133 10.36 -4.54 3.64
N ALA A 134 9.66 -3.68 4.39
CA ALA A 134 10.21 -2.34 4.69
C ALA A 134 11.52 -2.41 5.47
N ARG A 135 11.63 -3.37 6.41
CA ARG A 135 12.87 -3.58 7.16
C ARG A 135 14.04 -3.91 6.23
N GLU A 136 13.77 -4.71 5.22
CA GLU A 136 14.81 -5.07 4.22
C GLU A 136 15.14 -3.87 3.31
N VAL A 137 14.18 -3.04 2.95
CA VAL A 137 14.46 -1.78 2.19
C VAL A 137 15.40 -0.88 2.98
N LEU A 138 15.12 -0.73 4.28
CA LEU A 138 15.97 0.08 5.14
C LEU A 138 17.38 -0.51 5.28
N ARG A 139 17.49 -1.81 5.52
CA ARG A 139 18.77 -2.45 5.69
C ARG A 139 19.62 -2.37 4.42
N ALA A 140 18.99 -2.60 3.28
CA ALA A 140 19.75 -2.66 2.03
C ALA A 140 20.31 -1.29 1.62
N THR A 141 19.72 -0.22 2.15
CA THR A 141 20.12 1.15 1.88
C THR A 141 20.86 1.79 3.05
N GLY A 142 21.19 1.01 4.08
CA GLY A 142 21.95 1.52 5.23
C GLY A 142 21.21 2.60 5.99
N THR A 143 19.89 2.53 6.05
CA THR A 143 19.08 3.60 6.65
C THR A 143 18.60 3.30 8.07
N GLU A 144 18.99 4.16 9.01
CA GLU A 144 18.47 4.24 10.37
C GLU A 144 17.54 5.44 10.54
N PRO A 145 16.21 5.26 10.54
CA PRO A 145 15.34 6.42 10.74
C PRO A 145 15.59 7.10 12.06
N ASP A 146 15.33 8.40 12.14
CA ASP A 146 15.34 9.11 13.41
C ASP A 146 14.40 8.39 14.36
N GLY A 147 14.85 8.03 15.57
CA GLY A 147 14.02 7.31 16.53
C GLY A 147 14.14 5.80 16.43
N GLY A 148 14.85 5.32 15.40
CA GLY A 148 15.12 3.90 15.21
C GLY A 148 14.17 3.16 14.29
N VAL A 149 14.61 2.01 13.78
CA VAL A 149 13.79 1.21 12.86
C VAL A 149 12.49 0.71 13.44
N GLU A 150 12.46 0.08 14.60
CA GLU A 150 11.20 -0.55 15.03
C GLU A 150 10.13 0.46 15.38
N ALA A 151 10.47 1.61 15.96
CA ALA A 151 9.44 2.62 16.22
C ALA A 151 8.93 3.24 14.92
N PHE A 152 9.74 3.29 13.86
CA PHE A 152 9.25 3.77 12.57
C PHE A 152 8.24 2.83 11.92
N LEU A 153 8.42 1.49 12.08
CA LEU A 153 7.61 0.47 11.47
C LEU A 153 6.36 0.11 12.26
N ASP A 154 6.31 0.45 13.54
CA ASP A 154 5.13 0.36 14.39
C ASP A 154 4.32 1.63 14.14
N CYS A 155 3.42 1.58 13.15
CA CYS A 155 2.94 2.83 12.53
C CYS A 155 1.43 2.87 12.35
N GLU A 156 0.95 3.42 11.24
CA GLU A 156 -0.47 3.71 11.01
C GLU A 156 -0.97 3.12 9.70
N PRO A 157 -0.92 1.77 9.59
CA PRO A 157 -1.31 1.12 8.31
C PRO A 157 -2.80 1.23 7.98
N LEU A 158 -3.17 1.10 6.71
CA LEU A 158 -4.55 1.08 6.22
C LEU A 158 -4.73 -0.01 5.18
N LEU A 159 -5.70 -0.90 5.37
CA LEU A 159 -6.02 -1.95 4.40
C LEU A 159 -7.34 -1.62 3.72
N ARG A 160 -7.38 -1.61 2.41
CA ARG A 160 -8.62 -1.42 1.64
C ARG A 160 -8.79 -2.47 0.55
N PHE A 161 -9.94 -3.12 0.58
CA PHE A 161 -10.35 -4.06 -0.45
C PHE A 161 -11.37 -3.38 -1.35
N ARG A 162 -11.21 -3.38 -2.66
CA ARG A 162 -12.05 -2.67 -3.59
C ARG A 162 -12.57 -3.65 -4.66
N TYR A 163 -13.88 -3.60 -4.87
CA TYR A 163 -14.55 -4.40 -5.88
C TYR A 163 -15.13 -3.46 -6.94
N PHE A 164 -14.81 -3.70 -8.19
CA PHE A 164 -15.41 -3.06 -9.36
C PHE A 164 -16.40 -4.03 -9.99
N PRO A 165 -17.69 -3.99 -9.70
CA PRO A 165 -18.64 -4.89 -10.34
C PRO A 165 -18.56 -4.79 -11.86
N LEU A 178 -10.27 5.82 -17.09
CA LEU A 178 -9.49 4.97 -16.22
C LEU A 178 -10.24 4.64 -14.92
N ARG A 179 -9.99 3.45 -14.37
CA ARG A 179 -10.48 3.13 -13.03
C ARG A 179 -9.76 3.90 -11.94
N MET A 180 -8.50 4.21 -12.18
CA MET A 180 -7.68 5.05 -11.33
C MET A 180 -6.63 5.79 -12.18
N ALA A 181 -6.63 7.11 -12.03
CA ALA A 181 -5.70 7.98 -12.75
C ALA A 181 -4.25 7.75 -12.32
N PRO A 182 -3.31 8.09 -13.20
CA PRO A 182 -1.88 7.93 -12.82
C PRO A 182 -1.52 8.71 -11.56
N HIS A 183 -0.81 8.03 -10.65
CA HIS A 183 -0.40 8.57 -9.37
C HIS A 183 0.80 7.81 -8.82
N TYR A 184 1.47 8.40 -7.84
CA TYR A 184 2.39 7.69 -6.95
C TYR A 184 1.83 7.61 -5.55
N ASP A 185 2.29 6.60 -4.79
CA ASP A 185 1.82 6.42 -3.42
C ASP A 185 2.70 7.20 -2.42
N LEU A 186 2.10 7.72 -1.35
CA LEU A 186 2.81 8.43 -0.31
C LEU A 186 3.04 7.57 0.94
N SER A 187 2.96 6.27 0.82
CA SER A 187 3.30 5.28 1.81
C SER A 187 4.81 5.07 1.89
N MET A 188 5.27 4.29 2.88
CA MET A 188 6.60 3.68 2.92
C MET A 188 6.63 2.60 1.81
N VAL A 189 5.79 1.56 1.93
CA VAL A 189 5.54 0.58 0.90
C VAL A 189 4.03 0.29 0.85
N THR A 190 3.58 -0.17 -0.31
CA THR A 190 2.21 -0.61 -0.52
C THR A 190 2.22 -2.07 -1.01
N LEU A 191 1.44 -2.95 -0.42
CA LEU A 191 1.34 -4.36 -0.86
C LEU A 191 0.00 -4.60 -1.54
N ILE A 192 0.01 -5.18 -2.73
CA ILE A 192 -1.18 -5.43 -3.50
C ILE A 192 -1.37 -6.91 -3.89
N GLN A 193 -2.51 -7.46 -3.53
CA GLN A 193 -2.93 -8.78 -3.99
C GLN A 193 -4.14 -8.60 -4.92
N GLN A 194 -4.24 -9.29 -6.03
CA GLN A 194 -5.29 -9.07 -7.00
C GLN A 194 -6.07 -10.34 -7.29
N THR A 195 -7.29 -10.20 -7.76
CA THR A 195 -8.10 -11.11 -8.52
C THR A 195 -8.55 -10.44 -9.83
N PHE A 201 -6.72 -9.70 -20.03
CA PHE A 201 -6.61 -8.25 -19.89
C PHE A 201 -5.99 -7.87 -18.54
N VAL A 202 -4.94 -7.05 -18.57
CA VAL A 202 -4.25 -6.65 -17.36
C VAL A 202 -4.58 -5.21 -16.99
N SER A 203 -5.32 -4.97 -15.92
CA SER A 203 -5.76 -3.67 -15.47
C SER A 203 -4.68 -2.81 -14.83
N LEU A 204 -3.83 -3.35 -13.96
CA LEU A 204 -2.81 -2.56 -13.27
C LEU A 204 -1.55 -2.40 -14.13
N GLN A 205 -1.07 -1.16 -14.28
CA GLN A 205 0.04 -0.75 -15.10
C GLN A 205 0.96 0.22 -14.35
N ALA A 206 2.27 0.09 -14.52
CA ALA A 206 3.23 1.01 -13.95
C ALA A 206 4.26 1.46 -14.99
N GLU A 207 4.77 2.66 -14.78
CA GLU A 207 5.91 3.12 -15.56
C GLU A 207 7.19 2.36 -15.16
N VAL A 208 7.80 1.66 -16.10
CA VAL A 208 9.09 0.98 -15.94
C VAL A 208 9.97 1.23 -17.17
N GLY A 209 11.15 1.82 -16.99
CA GLY A 209 11.97 2.18 -18.15
C GLY A 209 11.28 3.11 -19.11
N GLY A 210 10.37 3.96 -18.67
CA GLY A 210 9.67 4.88 -19.55
C GLY A 210 8.54 4.31 -20.36
N ALA A 211 8.09 3.09 -20.12
CA ALA A 211 6.96 2.50 -20.85
C ALA A 211 5.98 1.91 -19.87
N PHE A 212 4.70 1.88 -20.18
CA PHE A 212 3.70 1.20 -19.37
C PHE A 212 3.89 -0.31 -19.41
N THR A 213 3.99 -0.88 -18.22
CA THR A 213 4.29 -2.30 -18.05
C THR A 213 3.18 -2.96 -17.23
N ASP A 214 2.67 -4.07 -17.72
CA ASP A 214 1.69 -4.87 -17.05
C ASP A 214 2.10 -5.36 -15.67
N LEU A 215 1.17 -5.32 -14.72
CA LEU A 215 1.38 -5.95 -13.42
C LEU A 215 0.25 -6.95 -13.13
N PRO A 216 0.32 -8.13 -13.74
CA PRO A 216 -0.70 -9.14 -13.52
C PRO A 216 -0.59 -9.81 -12.16
N TYR A 217 -1.70 -10.50 -11.83
CA TYR A 217 -1.68 -11.25 -10.58
C TYR A 217 -0.70 -12.42 -10.67
N ARG A 218 -0.21 -12.82 -9.51
CA ARG A 218 0.64 -13.96 -9.30
C ARG A 218 0.03 -14.77 -8.15
N PRO A 219 -0.59 -15.93 -8.28
CA PRO A 219 -1.11 -16.64 -7.08
C PRO A 219 -0.08 -16.84 -5.99
N ASP A 220 1.21 -16.79 -6.29
CA ASP A 220 2.21 -17.11 -5.29
C ASP A 220 2.95 -15.95 -4.67
N ALA A 221 2.53 -14.73 -4.97
CA ALA A 221 3.32 -13.57 -4.61
C ALA A 221 2.46 -12.33 -4.38
N VAL A 222 3.00 -11.37 -3.66
CA VAL A 222 2.38 -10.05 -3.50
C VAL A 222 3.17 -9.05 -4.34
N LEU A 223 2.48 -8.06 -4.90
CA LEU A 223 3.15 -6.95 -5.57
C LEU A 223 3.48 -5.83 -4.58
N VAL A 224 4.74 -5.37 -4.60
CA VAL A 224 5.18 -4.29 -3.72
C VAL A 224 5.46 -3.03 -4.54
N PHE A 225 4.78 -1.92 -4.26
CA PHE A 225 5.14 -0.60 -4.72
C PHE A 225 5.90 0.12 -3.60
N CYS A 226 7.06 0.71 -3.90
CA CYS A 226 7.66 1.68 -2.97
C CYS A 226 6.89 3.00 -3.08
N GLY A 227 6.67 3.66 -1.95
CA GLY A 227 6.06 4.97 -1.87
C GLY A 227 7.04 6.09 -1.59
N ALA A 228 6.54 7.33 -1.62
CA ALA A 228 7.39 8.51 -1.41
C ALA A 228 8.05 8.54 -0.05
N ILE A 229 7.53 7.90 1.00
CA ILE A 229 8.21 7.88 2.31
C ILE A 229 9.45 7.00 2.26
N ALA A 230 9.48 5.97 1.39
CA ALA A 230 10.72 5.21 1.18
C ALA A 230 11.80 6.10 0.58
N THR A 231 11.38 6.89 -0.40
CA THR A 231 12.32 7.83 -1.02
C THR A 231 12.87 8.79 0.02
N LEU A 232 11.96 9.36 0.83
CA LEU A 232 12.32 10.36 1.83
C LEU A 232 13.23 9.79 2.90
N VAL A 233 12.84 8.71 3.56
CA VAL A 233 13.63 8.20 4.70
C VAL A 233 15.02 7.77 4.26
N THR A 234 15.19 7.23 3.04
CA THR A 234 16.45 6.68 2.59
C THR A 234 17.30 7.73 1.90
N GLY A 235 16.84 9.00 1.85
CA GLY A 235 17.66 10.01 1.21
C GLY A 235 17.76 9.88 -0.30
N GLY A 236 16.71 9.35 -0.94
CA GLY A 236 16.66 9.32 -2.38
C GLY A 236 17.16 8.05 -3.05
N GLN A 237 17.40 6.97 -2.32
CA GLN A 237 17.90 5.68 -2.78
C GLN A 237 16.81 4.75 -3.30
N VAL A 238 15.55 5.16 -3.20
CA VAL A 238 14.40 4.36 -3.60
C VAL A 238 13.47 5.21 -4.47
N LYS A 239 13.13 4.71 -5.66
CA LYS A 239 12.14 5.33 -6.54
C LYS A 239 10.70 5.05 -6.12
N ALA A 240 9.83 6.05 -6.23
CA ALA A 240 8.40 5.89 -6.03
C ALA A 240 7.71 5.97 -7.40
N PRO A 241 7.38 4.82 -8.00
CA PRO A 241 6.89 4.83 -9.37
C PRO A 241 5.40 5.18 -9.54
N ARG A 242 5.10 5.92 -10.62
CA ARG A 242 3.72 6.13 -10.99
C ARG A 242 3.07 4.87 -11.57
N HIS A 243 1.78 4.78 -11.37
CA HIS A 243 0.98 3.66 -11.83
C HIS A 243 -0.49 4.05 -11.97
N HIS A 244 -1.26 3.24 -12.68
CA HIS A 244 -2.67 3.54 -12.98
C HIS A 244 -3.45 2.24 -13.16
N VAL A 245 -4.78 2.37 -13.12
CA VAL A 245 -5.63 1.19 -13.30
C VAL A 245 -6.55 1.45 -14.50
N ALA A 246 -6.40 0.61 -15.52
CA ALA A 246 -7.19 0.77 -16.75
C ALA A 246 -8.49 0.00 -16.65
N ALA A 247 -9.47 0.38 -17.45
CA ALA A 247 -10.64 -0.48 -17.61
C ALA A 247 -10.58 -1.25 -18.92
N SER A 257 -15.12 -7.48 -14.37
CA SER A 257 -15.07 -7.08 -12.99
C SER A 257 -13.73 -7.46 -12.36
N ARG A 258 -13.36 -6.81 -11.26
CA ARG A 258 -12.09 -7.14 -10.62
C ARG A 258 -12.09 -6.69 -9.16
N THR A 259 -11.24 -7.34 -8.39
CA THR A 259 -11.04 -6.95 -7.00
C THR A 259 -9.54 -6.79 -6.74
N SER A 260 -9.24 -5.96 -5.77
CA SER A 260 -7.87 -5.85 -5.29
C SER A 260 -7.84 -5.58 -3.78
N SER A 261 -6.81 -6.06 -3.14
CA SER A 261 -6.50 -5.80 -1.73
C SER A 261 -5.26 -4.91 -1.73
N VAL A 262 -5.40 -3.73 -1.15
CA VAL A 262 -4.30 -2.74 -1.14
C VAL A 262 -3.93 -2.38 0.29
N PHE A 263 -2.70 -2.63 0.71
CA PHE A 263 -2.24 -2.40 2.07
C PHE A 263 -1.19 -1.28 2.06
N PHE A 264 -1.52 -0.15 2.71
CA PHE A 264 -0.61 0.99 2.84
C PHE A 264 0.13 0.94 4.17
N LEU A 265 1.46 0.85 4.16
CA LEU A 265 2.27 1.01 5.36
C LEU A 265 2.62 2.50 5.51
N ARG A 266 2.00 3.23 6.46
CA ARG A 266 2.07 4.67 6.56
C ARG A 266 2.75 5.10 7.86
N PRO A 267 3.64 6.10 7.79
CA PRO A 267 4.35 6.49 9.02
C PRO A 267 3.47 7.17 10.05
N ASN A 268 3.96 7.19 11.28
CA ASN A 268 3.36 7.98 12.34
C ASN A 268 3.48 9.47 12.07
N ALA A 269 2.53 10.24 12.63
CA ALA A 269 2.57 11.71 12.46
C ALA A 269 3.86 12.37 12.91
N ASP A 270 4.53 11.82 13.94
CA ASP A 270 5.76 12.36 14.48
C ASP A 270 7.03 11.86 13.83
N PHE A 271 6.96 11.07 12.75
CA PHE A 271 8.12 10.69 11.96
C PHE A 271 8.89 11.94 11.53
N THR A 272 10.16 12.02 11.87
CA THR A 272 11.00 13.21 11.70
C THR A 272 12.14 12.98 10.71
N PHE A 273 12.35 13.95 9.82
CA PHE A 273 13.36 13.87 8.77
C PHE A 273 14.11 15.18 8.58
N SER A 274 15.22 15.14 7.84
CA SER A 274 16.02 16.30 7.48
C SER A 274 15.43 17.07 6.29
N VAL A 275 15.18 18.36 6.46
CA VAL A 275 14.64 19.21 5.40
C VAL A 275 15.62 19.39 4.25
N PRO A 276 16.88 19.73 4.43
CA PRO A 276 17.81 19.81 3.28
C PRO A 276 17.92 18.50 2.53
N LEU A 277 17.93 17.34 3.21
CA LEU A 277 18.05 16.10 2.45
C LEU A 277 16.81 15.82 1.60
N ALA A 278 15.63 16.19 2.13
CA ALA A 278 14.40 16.02 1.35
C ALA A 278 14.48 16.84 0.07
N ARG A 279 14.96 18.08 0.17
CA ARG A 279 15.09 18.93 -1.01
C ARG A 279 16.07 18.32 -2.00
N GLU A 280 17.12 17.65 -1.56
CA GLU A 280 18.11 17.10 -2.48
C GLU A 280 17.59 15.92 -3.30
N CYS A 281 16.46 15.32 -2.89
CA CYS A 281 16.00 14.21 -3.75
C CYS A 281 14.65 14.46 -4.42
N GLY A 282 14.21 15.72 -4.46
CA GLY A 282 13.12 16.09 -5.35
C GLY A 282 11.88 16.60 -4.65
N PHE A 283 11.89 16.56 -3.31
CA PHE A 283 10.69 17.03 -2.61
C PHE A 283 10.63 18.55 -2.59
N ASP A 284 9.52 19.10 -3.08
CA ASP A 284 9.33 20.55 -3.23
C ASP A 284 8.78 21.16 -1.97
N VAL A 285 9.52 20.98 -0.87
CA VAL A 285 9.06 21.39 0.44
C VAL A 285 9.13 22.91 0.64
N SER A 286 8.19 23.36 1.42
CA SER A 286 8.05 24.73 1.93
C SER A 286 8.10 24.73 3.46
N LEU A 287 9.25 24.31 4.00
CA LEU A 287 9.49 24.03 5.40
C LEU A 287 10.64 24.88 5.91
N ASP A 288 10.39 25.72 6.91
CA ASP A 288 11.45 26.53 7.50
C ASP A 288 12.29 25.70 8.44
N GLY A 289 13.59 25.98 8.59
CA GLY A 289 14.26 25.12 9.56
C GLY A 289 14.81 23.80 9.04
N GLU A 290 15.56 23.09 9.90
CA GLU A 290 16.39 21.98 9.46
C GLU A 290 15.78 20.60 9.58
N THR A 291 14.81 20.40 10.46
CA THR A 291 14.08 19.15 10.59
C THR A 291 12.57 19.43 10.53
N ALA A 292 11.77 18.43 10.17
CA ALA A 292 10.33 18.47 10.12
C ALA A 292 9.73 17.11 10.39
N THR A 293 8.43 17.13 10.72
CA THR A 293 7.70 15.88 10.87
C THR A 293 6.80 15.59 9.64
N PHE A 294 6.33 14.35 9.54
CA PHE A 294 5.33 13.94 8.57
C PHE A 294 4.10 14.85 8.63
N GLN A 295 3.58 15.15 9.82
CA GLN A 295 2.46 16.10 9.99
C GLN A 295 2.75 17.47 9.40
N ASP A 296 3.91 18.09 9.56
CA ASP A 296 4.43 19.32 9.09
C ASP A 296 4.34 19.27 7.57
N TRP A 297 4.72 18.15 6.96
CA TRP A 297 4.78 18.03 5.51
C TRP A 297 3.42 17.87 4.86
N ILE A 298 2.66 16.88 5.33
CA ILE A 298 1.39 16.50 4.71
C ILE A 298 0.18 17.23 5.25
N GLY A 299 0.26 17.70 6.49
CA GLY A 299 -0.89 18.29 7.12
C GLY A 299 -1.57 17.40 8.14
N GLY A 300 -2.80 17.75 8.50
CA GLY A 300 -3.56 17.11 9.56
C GLY A 300 -4.39 15.91 9.22
N ASN A 301 -4.46 15.56 7.95
CA ASN A 301 -5.09 14.36 7.43
C ASN A 301 -4.17 13.53 6.54
N TYR A 302 -4.16 12.21 6.71
CA TYR A 302 -3.41 11.37 5.78
C TYR A 302 -3.88 11.64 4.35
N VAL A 303 -2.90 11.65 3.45
CA VAL A 303 -3.02 11.71 2.00
C VAL A 303 -2.26 10.50 1.45
N ASN A 304 -2.96 9.56 0.83
CA ASN A 304 -2.38 8.28 0.43
C ASN A 304 -1.73 8.26 -0.94
N ILE A 305 -2.21 9.08 -1.88
CA ILE A 305 -1.72 9.11 -3.25
C ILE A 305 -1.57 10.56 -3.69
N ARG A 306 -0.72 10.76 -4.70
CA ARG A 306 -0.48 12.09 -5.29
C ARG A 306 -0.39 11.97 -6.80
N ARG A 307 -1.01 12.89 -7.54
CA ARG A 307 -0.91 12.99 -8.99
C ARG A 307 0.14 14.02 -9.42
N THR A 308 1.08 13.68 -10.30
CA THR A 308 2.06 14.64 -10.80
C THR A 308 1.33 15.79 -11.49
N SER A 309 0.32 15.46 -12.28
CA SER A 309 -0.49 16.49 -12.94
C SER A 309 -1.55 17.08 -12.00
#